data_7RJK
#
_entry.id   7RJK
#
_cell.length_a   49.658
_cell.length_b   49.658
_cell.length_c   255.611
_cell.angle_alpha   90.000
_cell.angle_beta   90.000
_cell.angle_gamma   90.000
#
_symmetry.space_group_name_H-M   'P 41 21 2'
#
loop_
_entity.id
_entity.type
_entity.pdbx_description
1 polymer 'Bromodomain-containing protein 3'
2 polymer 'Heterogeneous nuclear ribonucleoprotein K'
3 non-polymer 1,2-ETHANEDIOL
4 non-polymer 'SULFATE ION'
5 non-polymer GLYCEROL
6 water water
#
loop_
_entity_poly.entity_id
_entity_poly.type
_entity_poly.pdbx_seq_one_letter_code
_entity_poly.pdbx_strand_id
1 'polypeptide(L)'
;SMPEVSNPSKPGRKTNQLQYMQNVVVKTLWKHQFAWPFYQPVDAIKLNLPDYHKIIKNPMDMGTIKKRLENNYYWSASEC
MQDFNTMFTNCYIYNKPTDDIVLMAQALEKIFLQKVAQMPQEE
;
A,B
2 'polypeptide(L)' VIG(ALY)GG(ALY)NIK C,D
#
loop_
_chem_comp.id
_chem_comp.type
_chem_comp.name
_chem_comp.formula
EDO non-polymer 1,2-ETHANEDIOL 'C2 H6 O2'
GOL non-polymer GLYCEROL 'C3 H8 O3'
SO4 non-polymer 'SULFATE ION' 'O4 S -2'
#
# COMPACT_ATOMS: atom_id res chain seq x y z
N PRO A 3 -10.93 6.83 -13.95
CA PRO A 3 -11.28 5.90 -15.04
C PRO A 3 -12.76 5.52 -15.06
N GLU A 4 -13.05 4.36 -15.64
CA GLU A 4 -14.43 3.92 -15.83
C GLU A 4 -15.03 3.41 -14.53
N VAL A 5 -16.32 3.71 -14.32
CA VAL A 5 -17.06 3.11 -13.21
C VAL A 5 -17.82 1.85 -13.63
N SER A 6 -17.76 1.48 -14.90
CA SER A 6 -18.26 0.18 -15.31
C SER A 6 -17.49 -0.25 -16.55
N ASN A 7 -17.44 -1.55 -16.74
CA ASN A 7 -16.65 -2.15 -17.82
C ASN A 7 -17.43 -3.35 -18.32
N PRO A 8 -18.03 -3.28 -19.51
CA PRO A 8 -18.90 -4.36 -19.97
C PRO A 8 -18.18 -5.68 -20.18
N SER A 9 -16.84 -5.68 -20.30
CA SER A 9 -16.09 -6.90 -20.52
C SER A 9 -15.55 -7.50 -19.23
N LYS A 10 -15.76 -6.85 -18.09
CA LYS A 10 -15.16 -7.29 -16.84
C LYS A 10 -16.20 -7.93 -15.93
N PRO A 11 -15.94 -9.13 -15.42
CA PRO A 11 -16.90 -9.77 -14.51
C PRO A 11 -17.12 -8.94 -13.25
N GLY A 12 -18.37 -8.87 -12.82
CA GLY A 12 -18.70 -8.24 -11.56
C GLY A 12 -19.83 -8.96 -10.87
N ARG A 13 -19.89 -8.81 -9.54
CA ARG A 13 -20.92 -9.46 -8.75
C ARG A 13 -20.98 -8.80 -7.38
N LYS A 14 -21.90 -9.30 -6.55
CA LYS A 14 -22.05 -8.98 -5.14
C LYS A 14 -21.33 -10.03 -4.30
N THR A 15 -20.62 -9.59 -3.25
CA THR A 15 -20.17 -10.50 -2.20
C THR A 15 -20.33 -9.82 -0.84
N ASN A 16 -20.41 -10.62 0.22
CA ASN A 16 -20.49 -10.05 1.55
C ASN A 16 -19.23 -9.23 1.89
N GLN A 17 -18.08 -9.63 1.35
CA GLN A 17 -16.86 -8.85 1.59
C GLN A 17 -16.92 -7.51 0.88
N LEU A 18 -17.49 -7.48 -0.32
CA LEU A 18 -17.60 -6.20 -1.03
C LEU A 18 -18.58 -5.28 -0.33
N GLN A 19 -19.66 -5.83 0.25
CA GLN A 19 -20.53 -5.04 1.11
C GLN A 19 -19.74 -4.41 2.25
N TYR A 20 -18.82 -5.18 2.84
CA TYR A 20 -17.97 -4.66 3.91
C TYR A 20 -17.08 -3.53 3.39
N MET A 21 -16.48 -3.71 2.22
CA MET A 21 -15.68 -2.62 1.65
C MET A 21 -16.51 -1.36 1.51
N GLN A 22 -17.76 -1.50 1.10
CA GLN A 22 -18.61 -0.33 0.85
C GLN A 22 -19.08 0.30 2.16
N ASN A 23 -19.62 -0.50 3.08
CA ASN A 23 -20.30 0.02 4.24
C ASN A 23 -19.40 0.22 5.45
N VAL A 24 -18.21 -0.37 5.46
CA VAL A 24 -17.25 -0.16 6.53
C VAL A 24 -16.03 0.64 6.04
N VAL A 25 -15.35 0.13 5.01
CA VAL A 25 -14.05 0.74 4.64
C VAL A 25 -14.27 2.12 4.02
N VAL A 26 -15.05 2.18 2.93
CA VAL A 26 -15.31 3.47 2.29
C VAL A 26 -15.93 4.44 3.29
N LYS A 27 -16.92 3.99 4.05
CA LYS A 27 -17.63 4.90 4.94
C LYS A 27 -16.70 5.42 6.04
N THR A 28 -15.85 4.56 6.57
CA THR A 28 -14.97 4.99 7.65
C THR A 28 -13.94 5.99 7.15
N LEU A 29 -13.38 5.76 5.96
CA LEU A 29 -12.37 6.68 5.44
C LEU A 29 -13.00 8.01 5.01
N TRP A 30 -14.21 7.98 4.46
CA TRP A 30 -14.80 9.23 3.98
C TRP A 30 -15.00 10.24 5.09
N LYS A 31 -15.29 9.78 6.30
CA LYS A 31 -15.55 10.68 7.42
CA LYS A 31 -15.56 10.67 7.44
C LYS A 31 -14.29 11.26 8.05
N HIS A 32 -13.11 10.81 7.61
CA HIS A 32 -11.84 11.28 8.15
C HIS A 32 -11.49 12.64 7.55
N GLN A 33 -10.97 13.55 8.39
CA GLN A 33 -10.63 14.88 7.90
C GLN A 33 -9.50 14.90 6.88
N PHE A 34 -8.69 13.84 6.81
CA PHE A 34 -7.62 13.76 5.81
C PHE A 34 -8.10 13.23 4.45
N ALA A 35 -9.37 12.84 4.31
CA ALA A 35 -9.79 12.12 3.11
C ALA A 35 -10.13 13.01 1.93
N TRP A 36 -10.46 14.28 2.16
CA TRP A 36 -10.99 15.12 1.07
C TRP A 36 -10.11 15.23 -0.17
N PRO A 37 -8.77 15.15 -0.12
CA PRO A 37 -8.00 15.18 -1.37
C PRO A 37 -8.24 13.95 -2.25
N PHE A 38 -8.91 12.92 -1.73
CA PHE A 38 -9.11 11.66 -2.45
C PHE A 38 -10.56 11.44 -2.85
N TYR A 39 -11.46 12.41 -2.62
CA TYR A 39 -12.88 12.20 -2.91
C TYR A 39 -13.15 12.12 -4.41
N GLN A 40 -12.40 12.86 -5.22
CA GLN A 40 -12.61 12.99 -6.65
C GLN A 40 -11.28 12.77 -7.36
N PRO A 41 -11.30 12.47 -8.67
CA PRO A 41 -10.03 12.37 -9.42
C PRO A 41 -9.20 13.63 -9.25
N VAL A 42 -7.88 13.45 -9.20
CA VAL A 42 -6.96 14.58 -9.17
C VAL A 42 -7.23 15.46 -10.38
N ASP A 43 -7.46 16.74 -10.14
CA ASP A 43 -7.68 17.72 -11.21
C ASP A 43 -6.36 18.43 -11.46
N ALA A 44 -5.60 17.94 -12.43
CA ALA A 44 -4.28 18.50 -12.70
C ALA A 44 -4.36 19.94 -13.19
N ILE A 45 -5.49 20.34 -13.77
CA ILE A 45 -5.64 21.70 -14.24
C ILE A 45 -5.95 22.64 -13.08
N LYS A 46 -6.94 22.29 -12.26
CA LYS A 46 -7.32 23.17 -11.15
C LYS A 46 -6.17 23.33 -10.16
N LEU A 47 -5.42 22.26 -9.90
CA LEU A 47 -4.29 22.31 -8.99
CA LEU A 47 -4.29 22.29 -8.99
C LEU A 47 -2.98 22.70 -9.67
N ASN A 48 -3.02 23.03 -10.96
CA ASN A 48 -1.84 23.37 -11.77
CA ASN A 48 -1.82 23.41 -11.71
C ASN A 48 -0.70 22.38 -11.55
N LEU A 49 -0.97 21.13 -11.94
CA LEU A 49 -0.02 20.03 -11.87
C LEU A 49 0.25 19.51 -13.28
N PRO A 50 0.93 20.29 -14.13
CA PRO A 50 1.16 19.85 -15.51
C PRO A 50 2.01 18.60 -15.63
N ASP A 51 2.62 18.12 -14.55
CA ASP A 51 3.36 16.86 -14.58
C ASP A 51 2.59 15.67 -14.02
N TYR A 52 1.37 15.88 -13.51
CA TYR A 52 0.69 14.79 -12.80
C TYR A 52 0.40 13.61 -13.72
N HIS A 53 -0.23 13.86 -14.87
CA HIS A 53 -0.54 12.77 -15.78
C HIS A 53 0.66 12.31 -16.58
N LYS A 54 1.76 13.07 -16.57
CA LYS A 54 3.02 12.57 -17.13
C LYS A 54 3.59 11.46 -16.26
N ILE A 55 3.34 11.52 -14.96
CA ILE A 55 3.94 10.60 -13.99
C ILE A 55 2.98 9.48 -13.60
N ILE A 56 1.71 9.81 -13.39
CA ILE A 56 0.69 8.86 -12.94
C ILE A 56 -0.11 8.41 -14.15
N LYS A 57 -0.01 7.12 -14.49
CA LYS A 57 -0.71 6.64 -15.69
C LYS A 57 -2.06 6.02 -15.39
N ASN A 58 -2.29 5.60 -14.14
CA ASN A 58 -3.52 4.88 -13.77
CA ASN A 58 -3.50 4.87 -13.75
C ASN A 58 -4.16 5.59 -12.58
N PRO A 59 -4.84 6.71 -12.81
CA PRO A 59 -5.42 7.47 -11.70
C PRO A 59 -6.51 6.67 -11.00
N MET A 60 -6.69 6.98 -9.71
CA MET A 60 -7.74 6.35 -8.91
C MET A 60 -8.09 7.30 -7.76
N ASP A 61 -9.34 7.22 -7.32
CA ASP A 61 -9.86 8.08 -6.25
C ASP A 61 -10.99 7.34 -5.56
N MET A 62 -11.38 7.85 -4.39
CA MET A 62 -12.38 7.15 -3.59
C MET A 62 -13.79 7.30 -4.15
N GLY A 63 -14.08 8.38 -4.88
CA GLY A 63 -15.39 8.50 -5.51
C GLY A 63 -15.59 7.43 -6.55
N THR A 64 -14.54 7.16 -7.33
CA THR A 64 -14.59 6.08 -8.31
C THR A 64 -14.77 4.72 -7.64
N ILE A 65 -14.03 4.48 -6.55
CA ILE A 65 -14.17 3.19 -5.85
C ILE A 65 -15.60 3.03 -5.34
N LYS A 66 -16.12 4.09 -4.73
CA LYS A 66 -17.48 4.04 -4.19
C LYS A 66 -18.49 3.73 -5.29
N LYS A 67 -18.36 4.38 -6.45
CA LYS A 67 -19.31 4.13 -7.52
C LYS A 67 -19.13 2.73 -8.09
N ARG A 68 -17.88 2.25 -8.17
CA ARG A 68 -17.64 0.88 -8.62
C ARG A 68 -18.31 -0.12 -7.71
N LEU A 69 -18.28 0.12 -6.39
CA LEU A 69 -18.96 -0.77 -5.45
C LEU A 69 -20.46 -0.75 -5.69
N GLU A 70 -21.01 0.44 -5.91
CA GLU A 70 -22.45 0.56 -6.12
C GLU A 70 -22.91 -0.07 -7.43
N ASN A 71 -22.01 -0.16 -8.42
CA ASN A 71 -22.33 -0.67 -9.74
C ASN A 71 -21.97 -2.15 -9.92
N ASN A 72 -21.52 -2.83 -8.88
CA ASN A 72 -21.12 -4.23 -8.96
C ASN A 72 -20.02 -4.43 -10.00
N TYR A 73 -19.05 -3.51 -9.99
CA TYR A 73 -17.93 -3.56 -10.92
C TYR A 73 -16.93 -4.65 -10.52
N TYR A 74 -16.77 -4.90 -9.22
CA TYR A 74 -15.76 -5.81 -8.72
C TYR A 74 -16.26 -7.25 -8.68
N TRP A 75 -15.33 -8.19 -8.79
CA TRP A 75 -15.64 -9.60 -8.58
C TRP A 75 -15.31 -10.05 -7.16
N SER A 76 -14.35 -9.39 -6.52
CA SER A 76 -13.88 -9.81 -5.21
C SER A 76 -13.45 -8.57 -4.43
N ALA A 77 -13.48 -8.68 -3.10
CA ALA A 77 -12.97 -7.59 -2.27
C ALA A 77 -11.51 -7.28 -2.58
N SER A 78 -10.71 -8.30 -2.92
CA SER A 78 -9.30 -8.05 -3.22
C SER A 78 -9.15 -7.07 -4.37
N GLU A 79 -10.04 -7.12 -5.36
CA GLU A 79 -9.97 -6.17 -6.47
C GLU A 79 -10.23 -4.75 -5.99
N CYS A 80 -11.19 -4.57 -5.09
CA CYS A 80 -11.45 -3.22 -4.59
C CYS A 80 -10.29 -2.74 -3.72
N MET A 81 -9.73 -3.65 -2.93
CA MET A 81 -8.50 -3.33 -2.19
C MET A 81 -7.39 -2.88 -3.13
N GLN A 82 -7.27 -3.52 -4.29
CA GLN A 82 -6.24 -3.14 -5.25
CA GLN A 82 -6.23 -3.14 -5.23
C GLN A 82 -6.43 -1.71 -5.73
N ASP A 83 -7.69 -1.29 -5.93
CA ASP A 83 -7.97 0.09 -6.32
C ASP A 83 -7.60 1.08 -5.20
N PHE A 84 -7.94 0.75 -3.95
CA PHE A 84 -7.44 1.58 -2.84
C PHE A 84 -5.92 1.66 -2.89
N ASN A 85 -5.27 0.52 -3.14
CA ASN A 85 -3.81 0.55 -3.19
C ASN A 85 -3.32 1.43 -4.33
N THR A 86 -3.95 1.36 -5.51
CA THR A 86 -3.52 2.22 -6.61
C THR A 86 -3.65 3.69 -6.22
N MET A 87 -4.74 4.05 -5.54
CA MET A 87 -4.96 5.43 -5.11
C MET A 87 -3.84 5.91 -4.19
N PHE A 88 -3.53 5.13 -3.15
CA PHE A 88 -2.46 5.52 -2.22
C PHE A 88 -1.10 5.51 -2.90
N THR A 89 -0.81 4.46 -3.69
CA THR A 89 0.49 4.35 -4.32
CA THR A 89 0.50 4.36 -4.31
C THR A 89 0.74 5.49 -5.30
N ASN A 90 -0.29 5.88 -6.05
CA ASN A 90 -0.17 7.05 -6.93
C ASN A 90 0.29 8.26 -6.15
N CYS A 91 -0.31 8.47 -4.97
CA CYS A 91 0.00 9.63 -4.15
C CYS A 91 1.46 9.59 -3.71
N TYR A 92 1.96 8.40 -3.32
CA TYR A 92 3.36 8.30 -2.91
C TYR A 92 4.31 8.47 -4.10
N ILE A 93 3.90 7.97 -5.27
CA ILE A 93 4.78 8.03 -6.43
C ILE A 93 4.91 9.46 -6.93
N TYR A 94 3.80 10.21 -6.97
CA TYR A 94 3.81 11.53 -7.58
C TYR A 94 4.35 12.60 -6.64
N ASN A 95 3.84 12.68 -5.41
CA ASN A 95 4.12 13.85 -4.60
C ASN A 95 5.54 13.80 -4.03
N LYS A 96 6.00 14.97 -3.56
CA LYS A 96 7.29 15.02 -2.90
C LYS A 96 7.23 14.23 -1.60
N PRO A 97 8.32 13.57 -1.21
CA PRO A 97 8.28 12.76 0.02
C PRO A 97 7.88 13.55 1.26
N THR A 98 8.20 14.85 1.31
CA THR A 98 7.88 15.70 2.45
C THR A 98 6.53 16.40 2.35
N ASP A 99 5.73 16.11 1.32
CA ASP A 99 4.47 16.84 1.15
C ASP A 99 3.43 16.41 2.18
N ASP A 100 2.59 17.38 2.57
CA ASP A 100 1.48 17.11 3.49
C ASP A 100 0.61 15.94 3.05
N ILE A 101 0.28 15.86 1.75
CA ILE A 101 -0.65 14.83 1.30
C ILE A 101 -0.08 13.42 1.53
N VAL A 102 1.24 13.27 1.59
CA VAL A 102 1.81 11.96 1.85
C VAL A 102 1.48 11.50 3.26
N LEU A 103 1.57 12.40 4.24
CA LEU A 103 1.15 12.08 5.61
C LEU A 103 -0.33 11.76 5.68
N MET A 104 -1.15 12.49 4.93
CA MET A 104 -2.58 12.20 4.90
C MET A 104 -2.83 10.80 4.34
N ALA A 105 -2.19 10.47 3.21
CA ALA A 105 -2.33 9.14 2.65
C ALA A 105 -1.90 8.07 3.65
N GLN A 106 -0.78 8.30 4.35
CA GLN A 106 -0.29 7.29 5.28
C GLN A 106 -1.30 7.02 6.40
N ALA A 107 -1.89 8.08 6.96
CA ALA A 107 -2.87 7.88 8.03
C ALA A 107 -4.11 7.14 7.53
N LEU A 108 -4.58 7.46 6.32
CA LEU A 108 -5.75 6.75 5.78
C LEU A 108 -5.41 5.30 5.46
N GLU A 109 -4.24 5.05 4.87
CA GLU A 109 -3.89 3.69 4.51
C GLU A 109 -3.74 2.79 5.74
N LYS A 110 -3.29 3.35 6.86
CA LYS A 110 -3.21 2.56 8.09
C LYS A 110 -4.59 2.09 8.52
N ILE A 111 -5.59 2.97 8.43
CA ILE A 111 -6.96 2.59 8.75
C ILE A 111 -7.48 1.57 7.73
N PHE A 112 -7.22 1.80 6.45
CA PHE A 112 -7.61 0.86 5.40
C PHE A 112 -7.12 -0.55 5.74
N LEU A 113 -5.86 -0.69 6.11
CA LEU A 113 -5.31 -2.00 6.40
C LEU A 113 -5.87 -2.58 7.69
N GLN A 114 -6.07 -1.74 8.70
CA GLN A 114 -6.71 -2.22 9.92
C GLN A 114 -8.10 -2.79 9.65
N LYS A 115 -8.90 -2.09 8.83
CA LYS A 115 -10.24 -2.57 8.54
C LYS A 115 -10.21 -3.82 7.67
N VAL A 116 -9.25 -3.89 6.74
CA VAL A 116 -9.10 -5.10 5.92
C VAL A 116 -8.75 -6.30 6.80
N ALA A 117 -7.94 -6.09 7.84
CA ALA A 117 -7.57 -7.18 8.73
C ALA A 117 -8.78 -7.74 9.46
N GLN A 118 -9.85 -6.96 9.59
CA GLN A 118 -11.07 -7.38 10.27
C GLN A 118 -12.18 -7.80 9.31
N MET A 119 -11.91 -7.85 8.01
CA MET A 119 -12.96 -8.13 7.05
C MET A 119 -13.51 -9.54 7.25
N PRO A 120 -14.83 -9.73 7.20
CA PRO A 120 -15.39 -11.07 7.38
C PRO A 120 -14.88 -12.02 6.31
N GLN A 121 -14.83 -13.30 6.67
CA GLN A 121 -14.49 -14.32 5.69
C GLN A 121 -15.57 -14.38 4.61
N GLU A 122 -15.13 -14.67 3.39
CA GLU A 122 -16.07 -14.75 2.27
C GLU A 122 -17.04 -15.90 2.47
N GLU A 123 -18.33 -15.57 2.53
CA GLU A 123 -19.36 -16.59 2.68
C GLU A 123 -20.67 -16.12 2.06
N MET B 2 18.20 -1.07 11.62
CA MET B 2 17.80 -0.31 12.80
C MET B 2 16.45 -0.75 13.40
N PRO B 3 15.46 -1.10 12.59
CA PRO B 3 14.31 -1.82 13.16
C PRO B 3 14.75 -3.12 13.80
N GLU B 4 14.39 -3.27 15.08
CA GLU B 4 14.70 -4.49 15.81
C GLU B 4 13.90 -5.66 15.26
N VAL B 5 14.40 -6.87 15.44
CA VAL B 5 13.61 -8.07 15.13
C VAL B 5 13.11 -8.77 16.38
N SER B 6 13.52 -8.33 17.55
CA SER B 6 13.03 -8.87 18.81
C SER B 6 13.28 -7.78 19.86
N ASN B 7 12.49 -7.82 20.91
CA ASN B 7 12.58 -6.81 21.94
C ASN B 7 12.54 -7.54 23.28
N PRO B 8 13.28 -7.09 24.29
CA PRO B 8 13.31 -7.83 25.57
C PRO B 8 12.03 -7.77 26.36
N SER B 9 11.15 -6.80 26.09
CA SER B 9 9.93 -6.64 26.90
C SER B 9 8.64 -6.54 26.09
N LYS B 10 8.69 -6.14 24.83
CA LYS B 10 7.45 -5.86 24.09
C LYS B 10 6.56 -7.09 24.06
N PRO B 11 5.29 -6.99 24.45
CA PRO B 11 4.39 -8.16 24.40
C PRO B 11 4.26 -8.66 22.96
N GLY B 12 4.37 -9.98 22.81
CA GLY B 12 4.21 -10.60 21.51
C GLY B 12 3.61 -11.99 21.68
N ARG B 13 3.06 -12.51 20.58
CA ARG B 13 2.31 -13.77 20.61
C ARG B 13 2.17 -14.28 19.17
N LYS B 14 1.54 -15.45 19.01
CA LYS B 14 1.29 -16.00 17.69
C LYS B 14 -0.20 -16.38 17.58
N THR B 15 -1.02 -15.42 17.14
CA THR B 15 -2.43 -15.68 16.89
C THR B 15 -2.60 -16.49 15.61
N ASN B 16 -3.81 -16.99 15.36
CA ASN B 16 -4.01 -17.72 14.10
C ASN B 16 -3.79 -16.81 12.90
N GLN B 17 -4.12 -15.53 13.02
CA GLN B 17 -3.88 -14.60 11.92
C GLN B 17 -2.39 -14.36 11.71
N LEU B 18 -1.63 -14.29 12.80
CA LEU B 18 -0.19 -14.13 12.66
C LEU B 18 0.46 -15.39 12.08
N GLN B 19 -0.07 -16.57 12.41
CA GLN B 19 0.40 -17.79 11.77
C GLN B 19 0.18 -17.74 10.27
N TYR B 20 -0.97 -17.17 9.84
CA TYR B 20 -1.26 -17.00 8.43
C TYR B 20 -0.31 -15.98 7.79
N MET B 21 0.00 -14.87 8.49
CA MET B 21 0.96 -13.91 7.95
C MET B 21 2.29 -14.59 7.65
N GLN B 22 2.73 -15.50 8.51
CA GLN B 22 4.01 -16.19 8.30
C GLN B 22 3.87 -17.31 7.27
N ASN B 23 2.89 -18.20 7.44
CA ASN B 23 2.87 -19.43 6.66
C ASN B 23 2.20 -19.28 5.32
N VAL B 24 1.46 -18.20 5.09
CA VAL B 24 0.82 -17.99 3.80
C VAL B 24 1.37 -16.71 3.17
N VAL B 25 1.28 -15.58 3.88
CA VAL B 25 1.65 -14.30 3.25
C VAL B 25 3.15 -14.25 2.98
N VAL B 26 3.97 -14.34 4.04
CA VAL B 26 5.42 -14.29 3.85
C VAL B 26 5.89 -15.46 2.99
N LYS B 27 5.38 -16.67 3.26
CA LYS B 27 5.85 -17.83 2.50
C LYS B 27 5.63 -17.64 1.00
N THR B 28 4.47 -17.11 0.62
CA THR B 28 4.16 -16.92 -0.79
C THR B 28 5.03 -15.82 -1.40
N LEU B 29 5.12 -14.68 -0.72
CA LEU B 29 5.90 -13.56 -1.25
C LEU B 29 7.38 -13.92 -1.37
N TRP B 30 7.93 -14.65 -0.40
CA TRP B 30 9.35 -14.96 -0.42
C TRP B 30 9.74 -15.74 -1.68
N LYS B 31 8.81 -16.51 -2.23
CA LYS B 31 9.08 -17.31 -3.43
C LYS B 31 8.73 -16.59 -4.73
N HIS B 32 8.21 -15.38 -4.67
CA HIS B 32 7.93 -14.63 -5.89
C HIS B 32 9.23 -14.19 -6.54
N GLN B 33 9.27 -14.23 -7.88
CA GLN B 33 10.48 -13.92 -8.62
CA GLN B 33 10.50 -13.92 -8.61
C GLN B 33 10.98 -12.50 -8.36
N PHE B 34 10.12 -11.58 -7.93
CA PHE B 34 10.53 -10.21 -7.67
C PHE B 34 10.83 -9.92 -6.20
N ALA B 35 10.89 -10.96 -5.36
CA ALA B 35 10.99 -10.73 -3.91
C ALA B 35 12.38 -10.31 -3.46
N TRP B 36 13.43 -10.68 -4.20
CA TRP B 36 14.78 -10.60 -3.65
C TRP B 36 15.26 -9.19 -3.28
N PRO B 37 14.84 -8.10 -3.94
CA PRO B 37 15.29 -6.78 -3.46
C PRO B 37 14.76 -6.43 -2.06
N PHE B 38 13.82 -7.20 -1.53
CA PHE B 38 13.18 -6.90 -0.25
C PHE B 38 13.59 -7.88 0.85
N TYR B 39 14.53 -8.78 0.55
CA TYR B 39 14.97 -9.78 1.52
C TYR B 39 15.75 -9.19 2.69
N GLN B 40 16.39 -8.05 2.50
CA GLN B 40 17.26 -7.46 3.51
C GLN B 40 17.09 -5.95 3.50
N PRO B 41 17.50 -5.26 4.58
CA PRO B 41 17.42 -3.79 4.59
C PRO B 41 18.14 -3.18 3.40
N VAL B 42 17.58 -2.10 2.87
CA VAL B 42 18.26 -1.35 1.83
C VAL B 42 19.61 -0.88 2.37
N ASP B 43 20.68 -1.23 1.68
CA ASP B 43 22.05 -0.85 2.08
C ASP B 43 22.47 0.31 1.19
N ALA B 44 22.39 1.54 1.71
CA ALA B 44 22.70 2.72 0.92
C ALA B 44 24.15 2.75 0.46
N ILE B 45 25.07 2.18 1.26
CA ILE B 45 26.47 2.16 0.88
C ILE B 45 26.72 1.14 -0.21
N LYS B 46 26.28 -0.11 0.00
CA LYS B 46 26.52 -1.16 -0.98
C LYS B 46 25.85 -0.87 -2.31
N LEU B 47 24.63 -0.35 -2.28
CA LEU B 47 23.88 -0.05 -3.50
C LEU B 47 24.17 1.34 -4.05
N ASN B 48 25.05 2.09 -3.41
CA ASN B 48 25.39 3.45 -3.85
CA ASN B 48 25.40 3.47 -3.81
C ASN B 48 24.15 4.32 -4.01
N LEU B 49 23.36 4.39 -2.94
CA LEU B 49 22.18 5.25 -2.86
C LEU B 49 22.41 6.27 -1.74
N PRO B 50 23.32 7.23 -1.94
CA PRO B 50 23.69 8.12 -0.82
C PRO B 50 22.53 8.92 -0.28
N ASP B 51 21.46 9.12 -1.07
CA ASP B 51 20.31 9.89 -0.64
C ASP B 51 19.27 9.06 0.09
N TYR B 52 19.47 7.74 0.26
CA TYR B 52 18.36 6.90 0.73
C TYR B 52 17.88 7.35 2.12
N HIS B 53 18.81 7.49 3.07
CA HIS B 53 18.38 7.83 4.42
C HIS B 53 18.16 9.33 4.61
N LYS B 54 18.48 10.15 3.60
CA LYS B 54 18.03 11.53 3.60
C LYS B 54 16.54 11.64 3.30
N ILE B 55 15.96 10.62 2.68
CA ILE B 55 14.56 10.63 2.24
C ILE B 55 13.70 9.70 3.10
N ILE B 56 14.18 8.48 3.33
CA ILE B 56 13.42 7.44 4.04
C ILE B 56 13.83 7.45 5.50
N LYS B 57 12.86 7.65 6.39
CA LYS B 57 13.13 7.81 7.82
C LYS B 57 12.96 6.53 8.63
N ASN B 58 12.12 5.60 8.16
CA ASN B 58 11.77 4.38 8.89
C ASN B 58 11.91 3.19 7.94
N PRO B 59 13.12 2.66 7.80
CA PRO B 59 13.33 1.52 6.89
C PRO B 59 12.57 0.29 7.33
N MET B 60 12.21 -0.54 6.35
CA MET B 60 11.58 -1.84 6.61
C MET B 60 11.84 -2.75 5.42
N ASP B 61 11.95 -4.05 5.68
CA ASP B 61 12.19 -5.04 4.65
C ASP B 61 11.53 -6.34 5.06
N MET B 62 11.40 -7.26 4.10
CA MET B 62 10.69 -8.51 4.38
C MET B 62 11.51 -9.47 5.23
N GLY B 63 12.84 -9.41 5.16
CA GLY B 63 13.66 -10.21 6.07
C GLY B 63 13.41 -9.85 7.51
N THR B 64 13.33 -8.55 7.79
CA THR B 64 12.98 -8.08 9.13
C THR B 64 11.58 -8.55 9.53
N ILE B 65 10.59 -8.43 8.62
CA ILE B 65 9.23 -8.89 8.93
C ILE B 65 9.23 -10.39 9.23
N LYS B 66 9.93 -11.18 8.42
CA LYS B 66 9.97 -12.62 8.63
C LYS B 66 10.58 -12.96 9.99
N LYS B 67 11.67 -12.29 10.36
CA LYS B 67 12.27 -12.54 11.66
C LYS B 67 11.35 -12.11 12.80
N ARG B 68 10.68 -10.96 12.64
CA ARG B 68 9.71 -10.56 13.65
C ARG B 68 8.67 -11.66 13.88
N LEU B 69 8.15 -12.22 12.80
CA LEU B 69 7.19 -13.30 12.96
C LEU B 69 7.82 -14.51 13.65
N GLU B 70 9.07 -14.84 13.27
CA GLU B 70 9.75 -15.99 13.87
C GLU B 70 9.97 -15.81 15.35
N ASN B 71 10.10 -14.57 15.82
CA ASN B 71 10.36 -14.26 17.23
C ASN B 71 9.10 -13.91 18.02
N ASN B 72 7.91 -14.08 17.43
CA ASN B 72 6.66 -13.65 18.06
C ASN B 72 6.77 -12.20 18.50
N TYR B 73 7.30 -11.36 17.60
CA TYR B 73 7.50 -9.96 17.92
C TYR B 73 6.17 -9.20 17.98
N TYR B 74 5.22 -9.56 17.11
CA TYR B 74 3.98 -8.84 16.94
C TYR B 74 2.91 -9.30 17.93
N TRP B 75 1.96 -8.40 18.20
CA TRP B 75 0.74 -8.72 18.93
C TRP B 75 -0.43 -9.03 18.04
N SER B 76 -0.52 -8.42 16.85
CA SER B 76 -1.64 -8.64 15.95
C SER B 76 -1.13 -8.75 14.53
N ALA B 77 -1.93 -9.41 13.70
CA ALA B 77 -1.63 -9.47 12.27
C ALA B 77 -1.66 -8.10 11.62
N SER B 78 -2.55 -7.20 12.07
CA SER B 78 -2.57 -5.88 11.43
C SER B 78 -1.28 -5.12 11.71
N GLU B 79 -0.66 -5.36 12.87
CA GLU B 79 0.65 -4.76 13.14
C GLU B 79 1.68 -5.22 12.12
N CYS B 80 1.69 -6.53 11.83
CA CYS B 80 2.55 -7.06 10.76
C CYS B 80 2.21 -6.44 9.41
N MET B 81 0.92 -6.35 9.08
CA MET B 81 0.53 -5.75 7.81
C MET B 81 1.07 -4.33 7.67
N GLN B 82 1.13 -3.58 8.79
CA GLN B 82 1.61 -2.20 8.68
CA GLN B 82 1.62 -2.20 8.70
C GLN B 82 3.10 -2.16 8.35
N ASP B 83 3.87 -3.17 8.78
CA ASP B 83 5.28 -3.22 8.39
C ASP B 83 5.41 -3.48 6.89
N PHE B 84 4.59 -4.38 6.35
CA PHE B 84 4.55 -4.55 4.89
C PHE B 84 4.23 -3.23 4.20
N ASN B 85 3.26 -2.48 4.74
CA ASN B 85 2.94 -1.20 4.11
C ASN B 85 4.12 -0.24 4.17
N THR B 86 4.83 -0.19 5.30
CA THR B 86 6.02 0.66 5.37
C THR B 86 7.05 0.27 4.32
N MET B 87 7.28 -1.05 4.15
CA MET B 87 8.25 -1.53 3.18
C MET B 87 7.88 -1.10 1.76
N PHE B 88 6.63 -1.33 1.36
CA PHE B 88 6.22 -0.95 0.01
C PHE B 88 6.19 0.56 -0.17
N THR B 89 5.63 1.28 0.80
CA THR B 89 5.51 2.74 0.68
CA THR B 89 5.51 2.73 0.63
C THR B 89 6.87 3.41 0.62
N ASN B 90 7.84 2.91 1.43
CA ASN B 90 9.20 3.44 1.32
C ASN B 90 9.71 3.33 -0.11
N CYS B 91 9.44 2.19 -0.74
CA CYS B 91 9.93 1.94 -2.09
C CYS B 91 9.32 2.92 -3.09
N TYR B 92 8.00 3.17 -2.98
CA TYR B 92 7.32 4.16 -3.85
C TYR B 92 7.80 5.58 -3.58
N ILE B 93 8.04 5.91 -2.31
CA ILE B 93 8.45 7.27 -1.98
C ILE B 93 9.87 7.53 -2.48
N TYR B 94 10.79 6.57 -2.30
CA TYR B 94 12.19 6.84 -2.58
C TYR B 94 12.51 6.77 -4.08
N ASN B 95 12.12 5.68 -4.73
CA ASN B 95 12.64 5.42 -6.07
C ASN B 95 11.98 6.32 -7.12
N LYS B 96 12.61 6.37 -8.29
CA LYS B 96 12.00 7.12 -9.38
C LYS B 96 10.73 6.42 -9.81
N PRO B 97 9.70 7.17 -10.23
CA PRO B 97 8.47 6.52 -10.71
C PRO B 97 8.71 5.50 -11.79
N THR B 98 9.76 5.69 -12.60
CA THR B 98 10.04 4.82 -13.74
C THR B 98 10.97 3.65 -13.41
N ASP B 99 11.40 3.51 -12.16
CA ASP B 99 12.38 2.48 -11.80
C ASP B 99 11.75 1.09 -11.82
N ASP B 100 12.57 0.09 -12.20
CA ASP B 100 12.09 -1.30 -12.23
C ASP B 100 11.55 -1.72 -10.86
N ILE B 101 12.21 -1.29 -9.79
CA ILE B 101 11.82 -1.74 -8.45
C ILE B 101 10.39 -1.36 -8.12
N VAL B 102 9.90 -0.24 -8.65
CA VAL B 102 8.53 0.19 -8.40
C VAL B 102 7.55 -0.83 -8.98
N LEU B 103 7.82 -1.32 -10.19
CA LEU B 103 6.95 -2.34 -10.78
C LEU B 103 7.04 -3.65 -10.00
N MET B 104 8.22 -3.98 -9.49
CA MET B 104 8.36 -5.19 -8.68
C MET B 104 7.58 -5.05 -7.38
N ALA B 105 7.70 -3.91 -6.70
CA ALA B 105 6.90 -3.68 -5.50
C ALA B 105 5.42 -3.77 -5.79
N GLN B 106 4.98 -3.22 -6.93
CA GLN B 106 3.55 -3.28 -7.26
C GLN B 106 3.09 -4.71 -7.43
N ALA B 107 3.90 -5.55 -8.08
CA ALA B 107 3.51 -6.95 -8.28
C ALA B 107 3.44 -7.68 -6.95
N LEU B 108 4.41 -7.45 -6.08
CA LEU B 108 4.42 -8.11 -4.77
C LEU B 108 3.26 -7.64 -3.91
N GLU B 109 2.98 -6.33 -3.94
CA GLU B 109 1.93 -5.82 -3.07
C GLU B 109 0.56 -6.28 -3.52
N LYS B 110 0.37 -6.49 -4.82
CA LYS B 110 -0.88 -7.06 -5.29
C LYS B 110 -1.13 -8.44 -4.67
N ILE B 111 -0.09 -9.27 -4.61
CA ILE B 111 -0.23 -10.60 -3.99
C ILE B 111 -0.41 -10.47 -2.49
N PHE B 112 0.34 -9.57 -1.84
CA PHE B 112 0.10 -9.29 -0.42
C PHE B 112 -1.37 -9.00 -0.16
N LEU B 113 -1.98 -8.13 -0.98
CA LEU B 113 -3.39 -7.77 -0.76
C LEU B 113 -4.32 -8.94 -1.06
N GLN B 114 -4.02 -9.70 -2.12
CA GLN B 114 -4.82 -10.88 -2.42
C GLN B 114 -4.79 -11.87 -1.25
N LYS B 115 -3.62 -12.05 -0.63
CA LYS B 115 -3.56 -13.01 0.45
C LYS B 115 -4.20 -12.48 1.73
N VAL B 116 -4.02 -11.19 2.05
CA VAL B 116 -4.64 -10.69 3.27
C VAL B 116 -6.15 -10.64 3.12
N ALA B 117 -6.66 -10.53 1.89
CA ALA B 117 -8.10 -10.59 1.67
C ALA B 117 -8.70 -11.93 2.08
N GLN B 118 -7.89 -12.99 2.15
CA GLN B 118 -8.34 -14.33 2.50
C GLN B 118 -7.91 -14.75 3.90
N MET B 119 -7.42 -13.81 4.70
CA MET B 119 -6.96 -14.16 6.03
C MET B 119 -8.12 -14.57 6.92
N PRO B 120 -7.97 -15.62 7.71
CA PRO B 120 -9.04 -16.02 8.62
C PRO B 120 -9.31 -14.96 9.66
N GLN B 121 -10.55 -14.89 10.10
CA GLN B 121 -10.90 -13.99 11.19
C GLN B 121 -10.36 -14.53 12.52
N GLU B 122 -10.22 -13.64 13.48
CA GLU B 122 -10.13 -13.98 14.90
C GLU B 122 -9.05 -14.97 15.26
N VAL C 1 9.62 17.31 -9.12
CA VAL C 1 8.18 17.23 -9.28
C VAL C 1 7.53 18.44 -8.64
N ILE C 2 6.38 18.87 -9.18
CA ILE C 2 5.74 20.08 -8.68
C ILE C 2 5.14 19.84 -7.30
N GLY C 3 4.26 18.85 -7.18
CA GLY C 3 3.60 18.59 -5.89
C GLY C 3 2.39 19.46 -5.60
OH ALY C 4 -1.97 13.17 -5.02
CH ALY C 4 -3.13 13.58 -4.89
CH3 ALY C 4 -4.25 12.67 -4.41
NZ ALY C 4 -3.46 14.90 -5.14
CE ALY C 4 -2.52 15.90 -5.61
CD ALY C 4 -1.87 16.68 -4.47
CG ALY C 4 -1.09 17.86 -5.02
CB ALY C 4 -0.70 18.75 -3.87
CA ALY C 4 0.35 19.79 -4.31
N ALY C 4 1.67 19.18 -4.51
C ALY C 4 0.21 20.93 -3.29
O ALY C 4 -0.84 21.58 -3.13
N GLY C 5 1.29 21.19 -2.57
CA GLY C 5 1.29 22.30 -1.63
C GLY C 5 0.73 21.89 -0.28
N GLY C 6 0.78 22.81 0.68
CA GLY C 6 0.33 22.53 2.03
C GLY C 6 -1.16 22.27 2.14
OH ALY C 7 -4.87 17.45 -2.48
CH ALY C 7 -4.95 18.69 -2.48
CH3 ALY C 7 -5.99 19.40 -3.32
NZ ALY C 7 -4.09 19.49 -1.72
CE ALY C 7 -3.07 18.95 -0.86
CD ALY C 7 -3.59 18.72 0.57
CG ALY C 7 -2.66 19.37 1.57
CB ALY C 7 -3.36 19.74 2.87
CA ALY C 7 -2.96 21.16 3.31
N ALY C 7 -1.55 21.45 3.12
C ALY C 7 -3.33 21.36 4.78
O ALY C 7 -4.34 20.88 5.32
N ASN C 8 -2.47 22.14 5.45
CA ASN C 8 -2.63 22.54 6.85
C ASN C 8 -2.73 21.35 7.80
N ILE C 9 -1.73 20.47 7.76
CA ILE C 9 -1.72 19.26 8.57
C ILE C 9 -0.92 19.48 9.86
N VAL D 1 16.60 12.30 -7.40
CA VAL D 1 16.87 11.13 -6.56
C VAL D 1 17.69 10.12 -7.37
N ILE D 2 18.56 9.36 -6.69
CA ILE D 2 19.39 8.39 -7.41
C ILE D 2 18.54 7.24 -7.93
N GLY D 3 17.90 6.51 -7.03
CA GLY D 3 17.06 5.39 -7.43
C GLY D 3 17.86 4.14 -7.75
OH ALY D 4 13.80 0.38 -2.56
CH ALY D 4 14.35 -0.72 -2.40
CH3 ALY D 4 13.62 -1.86 -1.72
NZ ALY D 4 15.65 -0.96 -2.81
CE ALY D 4 16.47 0.00 -3.47
CD ALY D 4 16.32 -0.14 -4.99
CG ALY D 4 17.27 0.76 -5.73
CB ALY D 4 17.04 0.62 -7.21
CA ALY D 4 17.86 1.73 -7.90
N ALY D 4 17.17 2.99 -7.86
C ALY D 4 18.26 1.14 -9.26
O ALY D 4 19.08 0.23 -9.37
N GLY D 5 17.69 1.66 -10.33
CA GLY D 5 18.11 1.19 -11.65
C GLY D 5 17.73 -0.25 -12.01
N GLY D 6 18.21 -0.73 -13.16
CA GLY D 6 17.72 -1.96 -13.77
C GLY D 6 17.76 -3.23 -12.94
OH ALY D 7 16.88 -3.53 -5.44
CH ALY D 7 17.98 -3.67 -6.01
CH3 ALY D 7 19.22 -4.06 -5.25
NZ ALY D 7 18.11 -3.47 -7.37
CE ALY D 7 17.02 -3.11 -8.24
CD ALY D 7 16.50 -4.32 -9.02
CG ALY D 7 15.77 -3.90 -10.27
CB ALY D 7 15.54 -5.13 -11.12
CA ALY D 7 16.60 -5.24 -12.22
N ALY D 7 16.70 -4.03 -13.03
C ALY D 7 16.27 -6.50 -13.04
O ALY D 7 15.84 -7.54 -12.52
N ASN D 8 16.49 -6.41 -14.34
CA ASN D 8 16.35 -7.55 -15.26
C ASN D 8 14.96 -8.17 -15.21
N ILE D 9 13.93 -7.35 -15.34
CA ILE D 9 12.56 -7.85 -15.25
C ILE D 9 11.93 -7.96 -16.63
C1 EDO E . 4.29 20.93 0.49
O1 EDO E . 4.25 22.20 1.16
C2 EDO E . 3.10 20.09 0.95
O2 EDO E . 2.92 20.17 2.37
C1 EDO F . -7.82 17.14 -6.82
O1 EDO F . -8.56 17.53 -7.99
C2 EDO F . -8.80 16.80 -5.72
O2 EDO F . -9.86 16.00 -6.26
S SO4 G . -7.35 -10.76 21.98
O1 SO4 G . -6.51 -10.97 23.16
O2 SO4 G . -8.72 -10.44 22.41
O3 SO4 G . -6.82 -9.66 21.18
O4 SO4 G . -7.36 -11.99 21.19
S SO4 H . -6.53 -5.09 15.19
O1 SO4 H . -5.67 -6.17 15.67
O2 SO4 H . -7.59 -4.84 16.16
O3 SO4 H . -5.73 -3.86 15.03
O4 SO4 H . -7.11 -5.45 13.91
C1 EDO I . 9.22 8.59 4.55
O1 EDO I . 10.25 8.48 5.54
C2 EDO I . 9.28 9.98 3.92
O2 EDO I . 7.95 10.51 3.74
C1 GOL J . 12.19 -0.63 16.87
O1 GOL J . 13.30 -0.92 16.08
C2 GOL J . 11.26 0.25 16.03
O2 GOL J . 10.67 -0.46 14.98
C3 GOL J . 10.23 0.82 17.05
O3 GOL J . 8.95 0.45 16.63
#